data_4P5I
#
_entry.id   4P5I
#
_cell.length_a   76.250
_cell.length_b   76.250
_cell.length_c   281.940
_cell.angle_alpha   90.00
_cell.angle_beta   90.00
_cell.angle_gamma   120.00
#
_symmetry.space_group_name_H-M   'P 65 2 2'
#
loop_
_entity.id
_entity.type
_entity.pdbx_description
1 polymer 'Chemokine binding protein'
2 branched 2-acetamido-2-deoxy-beta-D-glucopyranose-(1-4)-2-acetamido-2-deoxy-beta-D-glucopyranose
3 non-polymer 2-acetamido-2-deoxy-beta-D-glucopyranose
4 water water
#
_entity_poly.entity_id   1
_entity_poly.type   'polypeptide(L)'
_entity_poly.pdbx_seq_one_letter_code
;APLLESQRSNSEEKANFCSTHNDEVYARFRLQMRVGVRHSPLYTPSNMCMLDIEDSVEDIEESTEKEYASTATGEAAGVN
VSVALVGEGVSIPFSYIGLGFNPSLEDSYLYVNVSSRAPWVKQTSDLSANGGWGIKQVLEKELLAIQIGCDNQKFPEEPT
TTPPSPVTTTLSSTTPDLNEENTENTPTTTGASVDRKRNPADIDFSLLVDPRCVTSVDLHVELRDACIDYKQESPLSLKG
KYGDGELVKKEIKDVGKNHNMCSLNLNPGN
;
_entity_poly.pdbx_strand_id   A
#
# COMPACT_ATOMS: atom_id res chain seq x y z
N GLU A 5 20.69 1.38 23.47
CA GLU A 5 20.90 2.76 23.05
C GLU A 5 20.45 3.00 21.59
N SER A 6 20.49 1.94 20.78
CA SER A 6 20.02 1.97 19.39
C SER A 6 19.33 0.65 19.03
N GLN A 7 18.11 0.74 18.50
CA GLN A 7 17.22 -0.42 18.44
C GLN A 7 16.97 -1.03 17.04
N ARG A 8 17.67 -0.53 16.02
CA ARG A 8 17.45 -1.01 14.65
C ARG A 8 17.85 -2.48 14.45
N SER A 9 17.11 -3.17 13.58
CA SER A 9 17.49 -4.50 13.12
C SER A 9 17.24 -4.63 11.64
N ASN A 10 18.30 -4.69 10.86
CA ASN A 10 18.18 -4.74 9.42
C ASN A 10 19.18 -5.70 8.80
N SER A 11 18.90 -6.10 7.56
CA SER A 11 19.83 -6.93 6.82
C SER A 11 21.13 -6.18 6.56
N GLU A 12 22.18 -6.93 6.31
CA GLU A 12 23.47 -6.35 6.01
C GLU A 12 23.36 -5.53 4.72
N GLU A 13 22.53 -6.01 3.79
CA GLU A 13 22.37 -5.35 2.49
C GLU A 13 21.74 -3.97 2.67
N LYS A 14 20.78 -3.88 3.58
CA LYS A 14 20.14 -2.61 3.90
C LYS A 14 21.13 -1.64 4.60
N ALA A 15 21.79 -2.10 5.64
CA ALA A 15 22.75 -1.27 6.39
C ALA A 15 23.89 -0.76 5.52
N ASN A 16 24.45 -1.65 4.69
CA ASN A 16 25.50 -1.26 3.76
C ASN A 16 25.06 -0.24 2.74
N PHE A 17 23.81 -0.35 2.28
CA PHE A 17 23.29 0.60 1.31
C PHE A 17 23.10 1.98 1.96
N CYS A 18 22.50 1.99 3.15
CA CYS A 18 22.15 3.24 3.80
C CYS A 18 23.40 3.99 4.26
N SER A 19 24.41 3.25 4.74
CA SER A 19 25.68 3.86 5.17
C SER A 19 26.33 4.57 4.00
N THR A 20 26.11 4.01 2.82
CA THR A 20 26.81 4.42 1.61
C THR A 20 26.02 5.48 0.84
N HIS A 21 24.77 5.70 1.23
CA HIS A 21 23.91 6.61 0.48
C HIS A 21 23.25 7.66 1.35
N ASN A 22 23.98 8.16 2.35
CA ASN A 22 23.40 9.06 3.35
C ASN A 22 22.99 10.45 2.83
N ASP A 23 23.51 10.85 1.68
CA ASP A 23 23.11 12.13 1.10
C ASP A 23 21.91 12.03 0.18
N GLU A 24 21.56 10.80 -0.22
CA GLU A 24 20.37 10.56 -1.03
C GLU A 24 19.13 10.41 -0.13
N VAL A 25 17.96 10.61 -0.74
CA VAL A 25 16.69 10.33 -0.07
C VAL A 25 15.80 9.47 -0.95
N TYR A 26 15.57 8.24 -0.51
CA TYR A 26 14.65 7.36 -1.20
C TYR A 26 13.42 7.15 -0.34
N ALA A 27 12.26 7.16 -0.98
CA ALA A 27 11.00 6.89 -0.30
C ALA A 27 10.71 5.41 -0.32
N ARG A 28 10.07 4.93 0.74
CA ARG A 28 9.60 3.56 0.80
C ARG A 28 8.20 3.57 1.35
N PHE A 29 7.29 2.93 0.62
CA PHE A 29 5.88 2.85 1.04
C PHE A 29 5.57 1.43 1.46
N ARG A 30 4.91 1.29 2.61
CA ARG A 30 4.42 -0.03 3.05
C ARG A 30 3.01 0.04 3.59
N LEU A 31 2.17 -0.88 3.11
CA LEU A 31 0.79 -0.96 3.55
C LEU A 31 0.48 -2.35 4.06
N GLN A 32 -0.21 -2.42 5.20
CA GLN A 32 -0.82 -3.67 5.66
C GLN A 32 -2.28 -3.41 5.97
N MET A 33 -3.15 -4.27 5.49
CA MET A 33 -4.56 -4.03 5.63
C MET A 33 -5.32 -5.33 5.88
N ARG A 34 -6.28 -5.29 6.79
CA ARG A 34 -7.15 -6.43 7.06
C ARG A 34 -8.57 -6.08 6.69
N VAL A 35 -9.16 -6.90 5.82
CA VAL A 35 -10.51 -6.65 5.32
C VAL A 35 -11.47 -7.74 5.79
N GLY A 36 -12.49 -7.34 6.54
CA GLY A 36 -13.54 -8.24 6.94
C GLY A 36 -14.43 -8.51 5.75
N VAL A 37 -14.67 -9.78 5.50
CA VAL A 37 -15.36 -10.26 4.31
C VAL A 37 -16.58 -11.15 4.63
N ARG A 38 -17.56 -10.98 3.76
CA ARG A 38 -18.76 -11.77 3.75
C ARG A 38 -19.24 -11.95 2.33
N HIS A 39 -19.98 -13.01 2.12
CA HIS A 39 -20.33 -13.44 0.81
C HIS A 39 -21.80 -13.53 0.62
N SER A 40 -22.21 -13.40 -0.62
CA SER A 40 -23.58 -13.61 -0.99
C SER A 40 -23.92 -15.10 -0.94
N PRO A 41 -25.19 -15.41 -0.87
CA PRO A 41 -25.60 -16.83 -0.86
C PRO A 41 -25.13 -17.62 -2.10
N LEU A 42 -24.97 -16.94 -3.22
CA LEU A 42 -24.53 -17.59 -4.47
C LEU A 42 -23.04 -17.89 -4.55
N TYR A 43 -22.23 -17.23 -3.73
CA TYR A 43 -20.77 -17.37 -3.77
C TYR A 43 -20.35 -18.82 -3.53
N THR A 44 -19.56 -19.38 -4.44
CA THR A 44 -19.01 -20.72 -4.24
C THR A 44 -17.52 -20.61 -3.87
N PRO A 45 -17.03 -21.49 -2.97
CA PRO A 45 -15.64 -21.37 -2.54
C PRO A 45 -14.67 -21.40 -3.72
N SER A 46 -13.60 -20.62 -3.61
CA SER A 46 -12.66 -20.52 -4.72
C SER A 46 -11.28 -20.16 -4.23
N ASN A 47 -10.28 -20.89 -4.72
CA ASN A 47 -8.88 -20.56 -4.45
C ASN A 47 -8.30 -19.51 -5.41
N MET A 48 -9.13 -18.99 -6.30
CA MET A 48 -8.61 -18.08 -7.33
C MET A 48 -8.05 -16.78 -6.77
N CYS A 49 -6.95 -16.35 -7.36
CA CYS A 49 -6.30 -15.11 -6.97
C CYS A 49 -5.89 -14.35 -8.23
N MET A 50 -6.23 -13.07 -8.32
CA MET A 50 -5.78 -12.18 -9.40
CA MET A 50 -5.63 -12.28 -9.38
C MET A 50 -4.95 -11.05 -8.81
N LEU A 51 -3.74 -10.82 -9.30
CA LEU A 51 -2.89 -9.73 -8.80
C LEU A 51 -2.39 -8.90 -9.96
N ASP A 52 -2.22 -7.60 -9.74
CA ASP A 52 -1.68 -6.75 -10.76
C ASP A 52 -1.00 -5.53 -10.13
N ILE A 53 -0.02 -4.98 -10.82
CA ILE A 53 0.62 -3.72 -10.44
C ILE A 53 0.84 -2.94 -11.72
N GLU A 54 0.27 -1.75 -11.78
CA GLU A 54 0.40 -0.88 -12.95
C GLU A 54 0.83 0.52 -12.55
N ASP A 55 1.72 1.11 -13.36
CA ASP A 55 2.15 2.48 -13.18
C ASP A 55 1.60 3.34 -14.32
N SER A 56 1.06 4.50 -13.97
CA SER A 56 0.51 5.37 -14.99
C SER A 56 1.08 6.79 -14.86
N VAL A 57 1.10 7.49 -15.99
CA VAL A 57 1.57 8.87 -16.05
C VAL A 57 0.53 9.72 -16.77
N GLU A 58 0.02 10.73 -16.08
CA GLU A 58 -0.99 11.61 -16.65
C GLU A 58 -0.47 13.04 -16.70
N ASP A 59 -0.57 13.68 -17.88
CA ASP A 59 -0.21 15.08 -18.00
C ASP A 59 -1.12 15.93 -17.13
N ILE A 60 -0.54 16.93 -16.45
CA ILE A 60 -1.35 17.90 -15.72
C ILE A 60 -1.51 19.14 -16.58
N GLU A 61 -2.74 19.59 -16.75
CA GLU A 61 -3.01 20.76 -17.56
C GLU A 61 -2.38 22.02 -16.99
N GLU A 62 -2.46 22.15 -15.68
CA GLU A 62 -1.92 23.30 -14.97
C GLU A 62 -0.42 23.45 -15.13
N SER A 63 0.29 22.32 -15.16
CA SER A 63 1.72 22.26 -14.91
C SER A 63 2.62 21.56 -15.93
N THR A 64 3.92 21.83 -15.79
CA THR A 64 4.99 21.07 -16.42
C THR A 64 5.11 19.70 -15.75
N GLU A 65 4.49 19.54 -14.59
CA GLU A 65 4.63 18.33 -13.79
C GLU A 65 3.69 17.24 -14.30
N LYS A 66 4.07 15.98 -14.11
CA LYS A 66 3.17 14.87 -14.41
C LYS A 66 2.58 14.33 -13.10
N GLU A 67 1.43 13.69 -13.22
CA GLU A 67 0.89 12.91 -12.12
C GLU A 67 1.27 11.42 -12.31
N TYR A 68 2.02 10.89 -11.36
CA TYR A 68 2.48 9.50 -11.37
C TYR A 68 1.67 8.66 -10.39
N ALA A 69 1.02 7.63 -10.90
CA ALA A 69 0.22 6.76 -10.06
C ALA A 69 0.76 5.34 -10.12
N SER A 70 0.93 4.72 -8.96
CA SER A 70 1.16 3.29 -8.90
C SER A 70 -0.10 2.65 -8.34
N THR A 71 -0.61 1.62 -9.02
CA THR A 71 -1.85 0.97 -8.63
C THR A 71 -1.65 -0.53 -8.45
N ALA A 72 -1.83 -1.01 -7.22
CA ALA A 72 -1.82 -2.45 -6.97
C ALA A 72 -3.26 -2.93 -6.87
N THR A 73 -3.59 -3.98 -7.61
CA THR A 73 -4.90 -4.60 -7.47
C THR A 73 -4.75 -6.08 -7.09
N GLY A 74 -5.66 -6.54 -6.23
CA GLY A 74 -5.78 -7.96 -5.93
C GLY A 74 -7.22 -8.40 -5.77
N GLU A 75 -7.55 -9.56 -6.30
CA GLU A 75 -8.90 -10.09 -6.16
C GLU A 75 -8.87 -11.53 -5.65
N ALA A 76 -9.59 -11.80 -4.57
CA ALA A 76 -9.70 -13.14 -4.01
C ALA A 76 -10.87 -13.16 -3.01
N ALA A 77 -11.43 -14.35 -2.78
CA ALA A 77 -12.50 -14.52 -1.79
C ALA A 77 -13.72 -13.64 -2.04
N GLY A 78 -14.00 -13.33 -3.30
CA GLY A 78 -15.18 -12.54 -3.67
C GLY A 78 -15.01 -11.04 -3.53
N VAL A 79 -13.81 -10.61 -3.23
CA VAL A 79 -13.53 -9.19 -2.99
C VAL A 79 -12.39 -8.68 -3.89
N ASN A 80 -12.55 -7.48 -4.43
CA ASN A 80 -11.46 -6.90 -5.21
C ASN A 80 -10.93 -5.61 -4.60
N VAL A 81 -9.61 -5.54 -4.45
CA VAL A 81 -8.95 -4.43 -3.78
C VAL A 81 -8.14 -3.61 -4.77
N SER A 82 -8.10 -2.30 -4.54
CA SER A 82 -7.31 -1.40 -5.38
C SER A 82 -6.58 -0.47 -4.43
N VAL A 83 -5.27 -0.38 -4.57
CA VAL A 83 -4.47 0.54 -3.77
C VAL A 83 -3.69 1.41 -4.73
N ALA A 84 -3.89 2.71 -4.64
CA ALA A 84 -3.28 3.63 -5.57
C ALA A 84 -2.52 4.70 -4.82
N LEU A 85 -1.24 4.82 -5.14
CA LEU A 85 -0.39 5.85 -4.55
C LEU A 85 -0.08 6.83 -5.66
N VAL A 86 -0.47 8.09 -5.45
CA VAL A 86 -0.40 9.11 -6.49
C VAL A 86 0.46 10.32 -6.06
N GLY A 87 1.44 10.66 -6.89
CA GLY A 87 2.27 11.83 -6.62
C GLY A 87 2.30 12.83 -7.77
N GLU A 88 2.70 14.06 -7.47
CA GLU A 88 2.90 15.08 -8.50
C GLU A 88 4.39 15.33 -8.71
N GLY A 89 4.89 14.95 -9.88
CA GLY A 89 6.30 15.08 -10.20
C GLY A 89 7.14 14.01 -9.55
N VAL A 90 6.51 13.17 -8.70
CA VAL A 90 7.22 12.12 -7.99
C VAL A 90 6.60 10.73 -8.23
N SER A 91 7.42 9.77 -8.64
CA SER A 91 6.93 8.42 -8.86
C SER A 91 7.47 7.47 -7.79
N ILE A 92 6.56 6.79 -7.09
CA ILE A 92 6.94 5.77 -6.11
C ILE A 92 6.19 4.49 -6.47
N PRO A 93 6.81 3.66 -7.32
CA PRO A 93 6.11 2.50 -7.87
C PRO A 93 6.07 1.30 -6.92
N PHE A 94 4.96 0.58 -6.92
CA PHE A 94 4.85 -0.66 -6.15
C PHE A 94 5.67 -1.78 -6.78
N SER A 95 6.18 -2.68 -5.96
CA SER A 95 6.95 -3.81 -6.48
C SER A 95 6.40 -5.12 -5.94
N TYR A 96 5.47 -5.03 -4.99
CA TYR A 96 4.96 -6.20 -4.30
C TYR A 96 3.52 -6.03 -3.82
N ILE A 97 2.68 -7.02 -4.09
CA ILE A 97 1.40 -7.16 -3.43
C ILE A 97 1.19 -8.62 -3.00
N GLY A 98 0.73 -8.82 -1.78
CA GLY A 98 0.50 -10.16 -1.25
C GLY A 98 -0.88 -10.22 -0.64
N LEU A 99 -1.60 -11.32 -0.87
CA LEU A 99 -2.93 -11.50 -0.33
C LEU A 99 -2.98 -12.76 0.51
N GLY A 100 -3.72 -12.73 1.60
CA GLY A 100 -3.94 -13.90 2.43
C GLY A 100 -5.44 -14.03 2.56
N PHE A 101 -6.00 -15.16 2.14
CA PHE A 101 -7.45 -15.27 2.14
C PHE A 101 -7.93 -16.67 2.41
N ASN A 102 -9.15 -16.72 2.92
CA ASN A 102 -9.87 -17.97 3.15
C ASN A 102 -10.84 -18.17 1.98
N PRO A 103 -10.76 -19.32 1.31
CA PRO A 103 -11.57 -19.54 0.12
C PRO A 103 -13.04 -19.88 0.40
N SER A 104 -13.44 -20.02 1.67
CA SER A 104 -14.78 -20.53 1.99
C SER A 104 -15.90 -19.50 2.04
N LEU A 105 -17.12 -20.04 2.16
CA LEU A 105 -18.37 -19.31 2.32
C LEU A 105 -18.39 -18.34 3.48
N GLU A 106 -17.88 -18.80 4.61
CA GLU A 106 -17.97 -18.09 5.87
C GLU A 106 -17.39 -16.68 5.80
N ASP A 107 -17.76 -15.84 6.75
CA ASP A 107 -17.10 -14.56 6.94
C ASP A 107 -15.66 -14.83 7.30
N SER A 108 -14.76 -13.97 6.84
CA SER A 108 -13.35 -14.16 7.13
C SER A 108 -12.59 -12.87 6.93
N TYR A 109 -11.31 -12.89 7.25
CA TYR A 109 -10.47 -11.74 6.97
C TYR A 109 -9.60 -11.97 5.75
N LEU A 110 -9.56 -10.96 4.88
CA LEU A 110 -8.62 -10.96 3.77
C LEU A 110 -7.48 -10.03 4.15
N TYR A 111 -6.25 -10.49 3.98
CA TYR A 111 -5.09 -9.70 4.32
C TYR A 111 -4.38 -9.19 3.08
N VAL A 112 -3.99 -7.91 3.09
CA VAL A 112 -3.26 -7.30 1.96
C VAL A 112 -1.96 -6.60 2.38
N ASN A 113 -0.84 -6.99 1.76
CA ASN A 113 0.40 -6.18 1.81
C ASN A 113 0.63 -5.50 0.47
N VAL A 114 0.98 -4.21 0.51
CA VAL A 114 1.51 -3.57 -0.69
C VAL A 114 2.79 -2.84 -0.30
N SER A 115 3.83 -3.00 -1.09
CA SER A 115 5.11 -2.31 -0.83
C SER A 115 5.70 -1.75 -2.11
N SER A 116 6.49 -0.69 -1.97
CA SER A 116 7.26 -0.12 -3.07
C SER A 116 8.68 -0.70 -2.98
N ARG A 117 9.47 -0.44 -4.01
CA ARG A 117 10.77 -1.07 -4.16
C ARG A 117 11.77 -0.62 -3.08
N ALA A 118 12.46 -1.58 -2.46
CA ALA A 118 13.55 -1.25 -1.57
C ALA A 118 14.76 -0.72 -2.36
N PRO A 119 15.25 0.44 -1.99
CA PRO A 119 16.32 1.10 -2.74
C PRO A 119 17.58 0.27 -2.82
N TRP A 120 17.87 -0.50 -1.78
CA TRP A 120 18.95 -1.45 -1.82
C TRP A 120 18.80 -2.57 -2.81
N VAL A 121 17.60 -3.08 -3.02
CA VAL A 121 17.36 -4.03 -4.11
C VAL A 121 17.52 -3.42 -5.49
N LYS A 122 16.95 -2.24 -5.67
CA LYS A 122 17.06 -1.49 -6.90
C LYS A 122 16.79 -0.03 -6.60
N GLN A 123 17.59 0.86 -7.15
CA GLN A 123 17.48 2.24 -6.76
C GLN A 123 16.28 2.90 -7.37
N THR A 124 15.54 3.56 -6.51
CA THR A 124 14.37 4.31 -6.85
C THR A 124 14.76 5.76 -7.08
N SER A 125 13.78 6.64 -7.17
CA SER A 125 14.03 8.05 -7.32
C SER A 125 14.71 8.65 -6.11
N ASP A 126 15.71 9.45 -6.38
CA ASP A 126 16.41 10.17 -5.34
C ASP A 126 15.69 11.49 -5.17
N LEU A 127 14.97 11.61 -4.07
CA LEU A 127 14.20 12.81 -3.79
C LEU A 127 15.06 14.00 -3.30
N SER A 128 16.37 13.78 -3.13
CA SER A 128 17.26 14.88 -2.74
C SER A 128 17.57 15.80 -3.92
N ALA A 129 17.36 15.28 -5.12
CA ALA A 129 17.55 16.06 -6.34
C ALA A 129 16.85 17.42 -6.26
N ASN A 130 17.45 18.43 -6.89
CA ASN A 130 16.86 19.75 -7.01
C ASN A 130 16.48 20.39 -5.68
N GLY A 131 17.35 20.26 -4.69
CA GLY A 131 17.13 20.89 -3.40
C GLY A 131 16.05 20.21 -2.56
N GLY A 132 15.78 18.95 -2.90
CA GLY A 132 14.78 18.19 -2.18
C GLY A 132 13.38 18.50 -2.67
N TRP A 133 13.29 18.83 -3.94
CA TRP A 133 12.02 19.10 -4.61
C TRP A 133 11.04 17.93 -4.41
N GLY A 134 11.54 16.72 -4.63
CA GLY A 134 10.73 15.51 -4.50
C GLY A 134 10.14 15.32 -3.12
N ILE A 135 10.93 15.61 -2.10
CA ILE A 135 10.49 15.47 -0.72
C ILE A 135 9.29 16.38 -0.50
N LYS A 136 9.43 17.62 -0.92
CA LYS A 136 8.36 18.62 -0.74
C LYS A 136 7.09 18.23 -1.49
N GLN A 137 7.26 17.77 -2.73
CA GLN A 137 6.14 17.26 -3.51
C GLN A 137 5.39 16.15 -2.79
N VAL A 138 6.13 15.22 -2.17
CA VAL A 138 5.48 14.14 -1.41
C VAL A 138 4.72 14.68 -0.20
N LEU A 139 5.38 15.53 0.58
CA LEU A 139 4.78 16.05 1.81
C LEU A 139 3.54 16.85 1.50
N GLU A 140 3.57 17.56 0.38
CA GLU A 140 2.48 18.47 0.06
C GLU A 140 1.36 17.89 -0.78
N LYS A 141 1.71 16.95 -1.67
CA LYS A 141 0.80 16.52 -2.71
C LYS A 141 0.41 15.02 -2.73
N GLU A 142 1.19 14.16 -2.08
CA GLU A 142 0.96 12.71 -2.23
C GLU A 142 -0.44 12.27 -1.81
N LEU A 143 -1.05 11.39 -2.61
CA LEU A 143 -2.38 10.84 -2.29
C LEU A 143 -2.40 9.32 -2.30
N LEU A 144 -3.09 8.76 -1.32
CA LEU A 144 -3.32 7.32 -1.27
C LEU A 144 -4.82 7.06 -1.43
N ALA A 145 -5.19 6.20 -2.38
CA ALA A 145 -6.61 5.90 -2.58
C ALA A 145 -6.82 4.40 -2.56
N ILE A 146 -7.64 3.96 -1.61
CA ILE A 146 -7.95 2.55 -1.43
C ILE A 146 -9.41 2.29 -1.75
N GLN A 147 -9.65 1.29 -2.57
CA GLN A 147 -11.00 0.90 -2.94
C GLN A 147 -11.15 -0.61 -2.75
N ILE A 148 -12.28 -1.02 -2.18
CA ILE A 148 -12.57 -2.42 -1.96
C ILE A 148 -13.99 -2.71 -2.45
N GLY A 149 -14.07 -3.52 -3.48
CA GLY A 149 -15.31 -3.86 -4.09
C GLY A 149 -15.66 -5.30 -3.81
N CYS A 150 -16.78 -5.75 -4.37
CA CYS A 150 -17.21 -7.10 -4.08
C CYS A 150 -17.51 -7.87 -5.35
N ASP A 151 -16.64 -7.76 -6.36
CA ASP A 151 -16.95 -8.54 -7.54
C ASP A 151 -16.17 -9.81 -7.71
N ASN A 152 -16.76 -10.77 -8.41
CA ASN A 152 -17.94 -10.56 -9.22
C ASN A 152 -19.26 -11.06 -8.60
N GLN A 153 -19.42 -10.87 -7.30
CA GLN A 153 -20.56 -11.35 -6.55
C GLN A 153 -21.89 -10.72 -6.97
N LYS A 154 -22.94 -11.52 -7.01
CA LYS A 154 -24.30 -11.02 -7.21
C LYS A 154 -25.04 -11.20 -5.89
N PHE A 155 -25.68 -10.13 -5.42
CA PHE A 155 -26.40 -10.20 -4.15
C PHE A 155 -27.91 -10.30 -4.37
N PRO A 156 -28.64 -10.77 -3.35
CA PRO A 156 -30.10 -10.92 -3.47
C PRO A 156 -30.79 -9.59 -3.73
N GLU A 157 -31.54 -9.52 -4.84
CA GLU A 157 -32.42 -8.41 -5.15
C GLU A 157 -33.86 -8.93 -5.14
N GLU A 158 -34.78 -8.22 -4.50
CA GLU A 158 -36.20 -8.61 -4.54
C GLU A 158 -36.69 -8.61 -5.98
N PRO A 159 -37.39 -9.68 -6.38
CA PRO A 159 -37.84 -9.86 -7.78
C PRO A 159 -38.76 -8.74 -8.28
N THR A 160 -38.33 -8.07 -9.35
CA THR A 160 -39.08 -7.03 -10.04
C THR A 160 -38.37 -6.79 -11.37
N THR A 161 -37.35 -5.93 -11.33
CA THR A 161 -36.38 -5.82 -12.42
C THR A 161 -35.67 -7.15 -12.53
N THR A 162 -35.23 -7.52 -13.72
CA THR A 162 -34.66 -8.84 -13.94
C THR A 162 -33.14 -8.86 -14.07
N PRO A 163 -32.43 -9.45 -13.08
CA PRO A 163 -31.03 -9.82 -13.27
C PRO A 163 -30.74 -11.33 -13.27
N PRO A 164 -31.71 -12.21 -13.67
CA PRO A 164 -31.79 -13.63 -13.29
C PRO A 164 -30.47 -14.31 -12.89
N GLY A 191 5.80 26.85 5.97
CA GLY A 191 6.95 26.38 5.20
C GLY A 191 8.05 25.78 6.06
N ALA A 192 7.76 25.60 7.34
CA ALA A 192 8.76 25.09 8.30
C ALA A 192 9.07 23.59 8.12
N SER A 193 10.34 23.25 8.21
CA SER A 193 10.76 21.86 8.19
C SER A 193 10.54 21.24 9.57
N VAL A 194 10.10 19.98 9.61
CA VAL A 194 9.74 19.32 10.85
C VAL A 194 10.48 17.99 10.92
N ASP A 195 10.90 17.57 12.11
CA ASP A 195 11.44 16.23 12.25
C ASP A 195 10.27 15.28 12.40
N ARG A 196 9.99 14.53 11.34
CA ARG A 196 8.84 13.64 11.38
CA ARG A 196 8.84 13.63 11.33
C ARG A 196 9.23 12.20 11.70
N LYS A 197 10.53 11.96 11.85
CA LYS A 197 10.98 10.63 12.26
C LYS A 197 10.39 10.36 13.63
N ARG A 198 10.34 11.42 14.43
CA ARG A 198 9.75 11.39 15.75
C ARG A 198 8.22 11.45 15.63
N ASN A 199 7.73 12.44 14.91
CA ASN A 199 6.29 12.66 14.78
C ASN A 199 5.84 12.71 13.33
N PRO A 200 5.44 11.55 12.77
CA PRO A 200 5.08 11.46 11.34
C PRO A 200 3.86 12.31 10.99
N ALA A 201 3.90 12.93 9.83
CA ALA A 201 2.73 13.61 9.32
C ALA A 201 1.68 12.57 8.90
N ASP A 202 0.44 13.02 8.79
CA ASP A 202 -0.62 12.13 8.36
C ASP A 202 -0.57 11.99 6.85
N ILE A 203 -0.65 10.76 6.37
CA ILE A 203 -0.79 10.57 4.94
C ILE A 203 -2.23 10.90 4.56
N ASP A 204 -2.40 11.53 3.40
CA ASP A 204 -3.71 11.89 2.88
C ASP A 204 -4.31 10.68 2.14
N PHE A 205 -5.30 10.03 2.72
CA PHE A 205 -5.90 8.87 2.07
C PHE A 205 -7.43 8.82 2.08
N SER A 206 -7.98 8.25 1.02
CA SER A 206 -9.39 7.91 0.98
C SER A 206 -9.54 6.39 1.05
N LEU A 207 -10.65 5.95 1.65
CA LEU A 207 -10.99 4.56 1.76
C LEU A 207 -12.45 4.38 1.34
N LEU A 208 -12.66 3.78 0.17
CA LEU A 208 -13.99 3.52 -0.36
C LEU A 208 -14.26 2.01 -0.31
N VAL A 209 -15.31 1.61 0.42
CA VAL A 209 -15.68 0.20 0.44
C VAL A 209 -17.14 -0.07 0.08
N ASP A 210 -17.40 -1.27 -0.42
CA ASP A 210 -18.74 -1.74 -0.68
C ASP A 210 -19.18 -2.59 0.53
N PRO A 211 -20.12 -2.07 1.32
CA PRO A 211 -20.55 -2.64 2.60
C PRO A 211 -21.31 -3.95 2.44
N ARG A 212 -21.66 -4.33 1.23
CA ARG A 212 -22.28 -5.61 0.96
C ARG A 212 -21.35 -6.78 1.23
N CYS A 213 -20.08 -6.61 0.90
CA CYS A 213 -19.08 -7.65 1.11
C CYS A 213 -17.96 -7.24 2.07
N VAL A 214 -17.95 -5.99 2.51
CA VAL A 214 -16.90 -5.55 3.43
C VAL A 214 -17.47 -5.19 4.78
N THR A 215 -17.11 -5.95 5.80
CA THR A 215 -17.67 -5.75 7.14
C THR A 215 -16.75 -4.95 8.07
N SER A 216 -15.48 -4.84 7.69
CA SER A 216 -14.53 -4.04 8.47
C SER A 216 -13.26 -3.78 7.70
N VAL A 217 -12.52 -2.77 8.14
CA VAL A 217 -11.20 -2.48 7.59
C VAL A 217 -10.25 -2.05 8.70
N ASP A 218 -9.11 -2.71 8.77
CA ASP A 218 -8.01 -2.28 9.62
C ASP A 218 -6.80 -2.08 8.72
N LEU A 219 -6.11 -0.97 8.92
CA LEU A 219 -5.17 -0.47 7.96
C LEU A 219 -3.99 0.19 8.67
N HIS A 220 -2.79 -0.18 8.29
CA HIS A 220 -1.62 0.56 8.70
C HIS A 220 -0.83 0.89 7.45
N VAL A 221 -0.47 2.16 7.29
CA VAL A 221 0.31 2.55 6.14
C VAL A 221 1.41 3.59 6.48
N GLU A 222 2.58 3.45 5.85
CA GLU A 222 3.66 4.36 6.11
C GLU A 222 4.44 4.65 4.84
N LEU A 223 4.86 5.90 4.72
CA LEU A 223 5.66 6.31 3.57
C LEU A 223 6.77 7.17 4.12
N ARG A 224 8.00 6.69 3.98
CA ARG A 224 9.11 7.38 4.63
C ARG A 224 10.44 7.14 3.96
N ASP A 225 11.42 7.93 4.37
CA ASP A 225 12.80 7.78 3.94
C ASP A 225 13.16 6.34 4.21
N ALA A 226 13.52 5.61 3.17
CA ALA A 226 13.82 4.18 3.29
C ALA A 226 15.00 3.90 4.23
N CYS A 227 15.88 4.89 4.39
CA CYS A 227 17.03 4.76 5.28
C CYS A 227 16.89 5.54 6.57
N ILE A 228 15.64 5.78 6.97
CA ILE A 228 15.36 6.66 8.10
C ILE A 228 15.95 6.13 9.39
N ASP A 229 16.23 4.83 9.41
CA ASP A 229 16.85 4.19 10.57
C ASP A 229 18.27 4.68 10.81
N TYR A 230 18.92 5.17 9.75
CA TYR A 230 20.32 5.57 9.80
C TYR A 230 20.47 7.09 9.77
N LYS A 231 19.41 7.79 10.16
CA LYS A 231 19.40 9.25 10.15
C LYS A 231 18.80 9.72 11.45
N GLN A 232 19.41 10.77 12.01
CA GLN A 232 19.02 11.27 13.32
C GLN A 232 17.63 11.88 13.25
N GLU A 233 17.35 12.56 12.14
CA GLU A 233 16.10 13.25 11.95
C GLU A 233 15.78 13.22 10.46
N SER A 234 14.50 13.43 10.14
CA SER A 234 14.04 13.39 8.75
C SER A 234 12.72 14.10 8.62
N PRO A 235 12.56 14.88 7.54
CA PRO A 235 11.27 15.51 7.23
C PRO A 235 10.32 14.51 6.55
N LEU A 236 10.86 13.40 6.03
CA LEU A 236 10.07 12.46 5.22
C LEU A 236 9.60 11.24 6.00
N SER A 237 8.50 11.40 6.74
CA SER A 237 7.84 10.30 7.40
C SER A 237 6.36 10.62 7.49
N LEU A 238 5.56 9.78 6.83
CA LEU A 238 4.11 9.91 6.78
C LEU A 238 3.50 8.60 7.23
N LYS A 239 2.36 8.69 7.90
CA LYS A 239 1.70 7.52 8.43
C LYS A 239 0.19 7.66 8.24
N GLY A 240 -0.46 6.52 8.06
CA GLY A 240 -1.90 6.45 8.00
C GLY A 240 -2.35 5.25 8.82
N LYS A 241 -3.56 5.35 9.36
CA LYS A 241 -4.12 4.33 10.21
C LYS A 241 -5.63 4.34 10.00
N TYR A 242 -6.25 3.17 10.04
CA TYR A 242 -7.71 3.09 10.09
C TYR A 242 -8.07 1.86 10.91
N GLY A 243 -9.01 2.01 11.83
CA GLY A 243 -9.30 0.95 12.77
C GLY A 243 -8.05 0.62 13.56
N ASP A 244 -7.81 -0.67 13.77
CA ASP A 244 -6.71 -1.11 14.62
C ASP A 244 -5.44 -1.42 13.81
N GLY A 245 -4.77 -0.36 13.35
CA GLY A 245 -3.59 -0.47 12.54
C GLY A 245 -2.50 -1.35 13.15
N GLU A 246 -2.31 -1.21 14.45
CA GLU A 246 -1.26 -1.96 15.13
C GLU A 246 -1.54 -3.45 15.10
N LEU A 247 -2.79 -3.81 15.33
CA LEU A 247 -3.21 -5.20 15.24
C LEU A 247 -2.85 -5.81 13.87
N VAL A 248 -3.34 -5.22 12.78
CA VAL A 248 -3.12 -5.77 11.44
C VAL A 248 -1.65 -5.87 11.07
N LYS A 249 -0.87 -4.87 11.47
CA LYS A 249 0.57 -4.86 11.26
C LYS A 249 1.22 -6.13 11.84
N LYS A 250 0.60 -6.68 12.89
CA LYS A 250 1.12 -7.87 13.55
C LYS A 250 0.46 -9.19 13.08
N GLU A 251 -0.87 -9.19 13.00
CA GLU A 251 -1.63 -10.37 12.58
C GLU A 251 -1.25 -10.84 11.16
N ILE A 252 -0.82 -9.89 10.34
CA ILE A 252 -0.54 -10.16 8.93
C ILE A 252 0.75 -10.97 8.72
N LYS A 253 1.59 -11.03 9.75
CA LYS A 253 2.81 -11.83 9.68
C LYS A 253 2.54 -13.27 10.08
N ASP A 254 1.30 -13.55 10.48
CA ASP A 254 0.97 -14.88 11.01
C ASP A 254 -0.30 -15.52 10.39
N VAL A 255 -0.54 -15.28 9.11
CA VAL A 255 -1.77 -15.81 8.51
C VAL A 255 -1.50 -16.94 7.52
N GLY A 256 -0.23 -17.15 7.21
CA GLY A 256 0.16 -18.26 6.36
C GLY A 256 -0.31 -19.62 6.85
N LYS A 257 -0.38 -19.80 8.17
CA LYS A 257 -0.80 -21.07 8.75
C LYS A 257 -2.26 -21.44 8.43
N ASN A 258 -3.13 -20.46 8.29
CA ASN A 258 -4.56 -20.72 8.15
C ASN A 258 -5.27 -20.05 6.97
N HIS A 259 -4.50 -19.60 5.98
CA HIS A 259 -5.06 -18.91 4.81
C HIS A 259 -4.32 -19.31 3.54
N ASN A 260 -5.02 -19.28 2.41
CA ASN A 260 -4.33 -19.27 1.11
C ASN A 260 -3.43 -18.02 1.08
N MET A 261 -2.23 -18.16 0.51
CA MET A 261 -1.35 -17.01 0.29
C MET A 261 -1.05 -16.89 -1.19
N CYS A 262 -1.13 -15.67 -1.72
CA CYS A 262 -0.68 -15.43 -3.08
C CYS A 262 0.01 -14.08 -3.13
N SER A 263 0.96 -13.94 -4.03
CA SER A 263 1.74 -12.72 -4.05
C SER A 263 2.29 -12.55 -5.43
N LEU A 264 2.53 -11.29 -5.77
CA LEU A 264 3.16 -10.90 -7.01
C LEU A 264 4.36 -10.03 -6.62
N ASN A 265 5.54 -10.41 -7.08
CA ASN A 265 6.76 -9.65 -6.83
C ASN A 265 7.36 -9.29 -8.20
N LEU A 266 7.55 -7.99 -8.42
CA LEU A 266 8.06 -7.50 -9.69
C LEU A 266 9.57 -7.76 -9.83
N ASN A 267 9.96 -8.16 -11.03
CA ASN A 267 11.35 -8.37 -11.40
C ASN A 267 12.22 -7.23 -10.83
N PRO A 268 13.24 -7.58 -10.03
CA PRO A 268 14.11 -6.47 -9.62
C PRO A 268 14.87 -5.98 -10.85
N GLY A 269 14.57 -4.76 -11.28
CA GLY A 269 15.10 -4.24 -12.53
C GLY A 269 14.03 -3.61 -13.41
N ASN A 270 12.78 -4.00 -13.19
CA ASN A 270 11.64 -3.46 -13.93
C ASN A 270 10.31 -3.79 -13.23
#